data_3MRD
#
_entry.id   3MRD
#
_cell.length_a   53.140
_cell.length_b   80.920
_cell.length_c   56.200
_cell.angle_alpha   90.000
_cell.angle_beta   112.410
_cell.angle_gamma   90.000
#
_symmetry.space_group_name_H-M   'P 1 21 1'
#
loop_
_entity.id
_entity.type
_entity.pdbx_description
1 polymer 'HLA class I histocompatibility antigen, A-2 alpha chain'
2 polymer Beta-2-microglobulin
3 polymer '9-meric peptide from Tegument protein pp65'
4 water water
#
loop_
_entity_poly.entity_id
_entity_poly.type
_entity_poly.pdbx_seq_one_letter_code
_entity_poly.pdbx_strand_id
1 'polypeptide(L)'
;GSHSMRYFFTSVSRPGRGEPRFIAVGYVDDTQFVRFDSDAASQRMEPRAPWIEQEGPEYWDGETRKVKAHSQTHRVDLGT
LRGYYNQSEAGSHTVQRMYGCDVGSDWRFLRGYHQYAYDGKDYIALKEDLRSWTAADMAAQTTKHKWEAAHVAEQLRAYL
EGTCVEWLRRYLENGKETLQRTDAPKTHMTHHAVSDHEATLRCWALSFYPAEITLTWQRDGEDQTQDTELVETRPAGDGT
FQKWVAVVVPSGQEQRYTCHVQHEGLPKPLTLRWEP
;
A
2 'polypeptide(L)'
;MIQRTPKIQVYSRHPAENGKSNFLNCYVSGFHPSDIEVDLLKNGERIEKVEHSDLSFSKDWSFYLLYYTEFTPTEKDEYA
CRVNHVTLSQPKIVKWDRDM
;
B
3 'polypeptide(L)' NLVPMGATV P
#
# COMPACT_ATOMS: atom_id res chain seq x y z
N GLY A 1 13.76 8.63 12.68
CA GLY A 1 12.54 9.34 12.21
C GLY A 1 12.70 9.85 10.80
N SER A 2 11.59 10.23 10.17
CA SER A 2 10.27 10.15 10.77
C SER A 2 9.71 8.74 10.70
N HIS A 3 8.64 8.49 11.45
CA HIS A 3 8.03 7.20 11.51
C HIS A 3 6.53 7.34 11.61
N SER A 4 5.82 6.26 11.35
CA SER A 4 4.39 6.33 11.42
C SER A 4 3.79 4.99 11.81
N MET A 5 2.58 5.01 12.36
CA MET A 5 1.83 3.77 12.51
C MET A 5 0.49 4.02 11.86
N ARG A 6 0.02 3.06 11.05
CA ARG A 6 -1.24 3.26 10.32
CA ARG A 6 -1.23 3.27 10.35
C ARG A 6 -1.99 1.98 10.28
N TYR A 7 -3.31 2.08 10.40
CA TYR A 7 -4.15 0.90 10.22
C TYR A 7 -5.12 1.16 9.08
N PHE A 8 -5.37 0.14 8.26
CA PHE A 8 -6.24 0.25 7.09
C PHE A 8 -7.31 -0.82 7.23
N PHE A 9 -8.55 -0.47 6.94
CA PHE A 9 -9.66 -1.43 7.08
C PHE A 9 -10.54 -1.33 5.85
N THR A 10 -10.96 -2.48 5.31
CA THR A 10 -11.81 -2.53 4.14
CA THR A 10 -11.90 -2.46 4.20
C THR A 10 -12.94 -3.51 4.45
N SER A 11 -14.19 -3.11 4.22
CA SER A 11 -15.30 -4.07 4.34
CA SER A 11 -15.31 -4.03 4.36
C SER A 11 -16.07 -4.01 3.04
N VAL A 12 -16.41 -5.18 2.52
CA VAL A 12 -17.12 -5.23 1.23
C VAL A 12 -18.37 -6.06 1.47
N SER A 13 -19.52 -5.48 1.20
CA SER A 13 -20.78 -6.19 1.48
C SER A 13 -20.97 -7.35 0.50
N ARG A 14 -21.69 -8.36 0.99
CA ARG A 14 -21.98 -9.59 0.25
C ARG A 14 -23.48 -9.80 0.14
N PRO A 15 -24.07 -9.26 -0.95
CA PRO A 15 -25.51 -9.33 -1.15
C PRO A 15 -25.93 -10.78 -1.18
N GLY A 16 -27.00 -11.09 -0.49
CA GLY A 16 -27.60 -12.41 -0.65
C GLY A 16 -27.41 -13.31 0.53
N ARG A 17 -26.31 -13.12 1.26
CA ARG A 17 -26.07 -13.95 2.44
C ARG A 17 -24.88 -13.51 3.29
N GLY A 18 -25.15 -13.25 4.56
CA GLY A 18 -24.09 -13.11 5.56
C GLY A 18 -23.42 -11.75 5.61
N GLU A 19 -22.37 -11.69 6.42
CA GLU A 19 -21.65 -10.48 6.75
C GLU A 19 -20.61 -10.09 5.69
N PRO A 20 -20.24 -8.81 5.68
CA PRO A 20 -19.19 -8.32 4.79
C PRO A 20 -17.86 -9.03 4.95
N ARG A 21 -17.10 -9.04 3.86
CA ARG A 21 -15.72 -9.52 3.91
C ARG A 21 -14.93 -8.38 4.53
N PHE A 22 -14.21 -8.60 5.62
CA PHE A 22 -13.51 -7.51 6.32
C PHE A 22 -12.02 -7.82 6.35
N ILE A 23 -11.17 -6.87 5.97
CA ILE A 23 -9.72 -7.08 5.99
C ILE A 23 -9.11 -5.89 6.71
N ALA A 24 -8.28 -6.12 7.73
CA ALA A 24 -7.63 -5.05 8.47
C ALA A 24 -6.13 -5.32 8.41
N VAL A 25 -5.36 -4.27 8.15
CA VAL A 25 -3.90 -4.45 8.14
C VAL A 25 -3.28 -3.32 8.93
N GLY A 26 -2.23 -3.62 9.68
CA GLY A 26 -1.47 -2.56 10.43
C GLY A 26 -0.06 -2.44 9.92
N TYR A 27 0.43 -1.20 9.82
CA TYR A 27 1.81 -0.95 9.36
C TYR A 27 2.54 -0.07 10.36
N VAL A 28 3.84 -0.33 10.52
CA VAL A 28 4.75 0.65 11.11
C VAL A 28 5.63 1.06 9.92
N ASP A 29 5.66 2.35 9.61
CA ASP A 29 6.32 2.83 8.40
C ASP A 29 5.83 2.01 7.24
N ASP A 30 6.74 1.40 6.48
CA ASP A 30 6.33 0.65 5.31
C ASP A 30 6.30 -0.85 5.56
N THR A 31 6.24 -1.24 6.84
CA THR A 31 6.30 -2.65 7.23
C THR A 31 4.96 -3.08 7.81
N GLN A 32 4.28 -4.01 7.13
CA GLN A 32 3.08 -4.61 7.71
CA GLN A 32 3.08 -4.63 7.69
C GLN A 32 3.45 -5.47 8.90
N PHE A 33 2.69 -5.33 9.99
CA PHE A 33 3.02 -6.08 11.19
C PHE A 33 1.87 -6.94 11.72
N VAL A 34 0.64 -6.61 11.34
CA VAL A 34 -0.48 -7.42 11.80
C VAL A 34 -1.54 -7.45 10.70
N ARG A 35 -2.39 -8.46 10.74
CA ARG A 35 -3.50 -8.50 9.80
C ARG A 35 -4.65 -9.26 10.41
N PHE A 36 -5.84 -8.94 9.94
CA PHE A 36 -7.02 -9.76 10.25
C PHE A 36 -7.80 -9.91 8.96
N ASP A 37 -8.19 -11.13 8.63
CA ASP A 37 -9.04 -11.34 7.43
C ASP A 37 -10.22 -12.19 7.87
N SER A 38 -11.42 -11.64 7.75
CA SER A 38 -12.66 -12.35 8.12
C SER A 38 -12.79 -13.72 7.42
N ASP A 39 -12.17 -13.89 6.24
CA ASP A 39 -12.31 -15.17 5.50
C ASP A 39 -11.34 -16.24 5.99
N ALA A 40 -10.37 -15.83 6.82
CA ALA A 40 -9.36 -16.75 7.35
C ALA A 40 -9.92 -17.57 8.51
N ALA A 41 -9.38 -18.79 8.70
CA ALA A 41 -9.92 -19.75 9.66
C ALA A 41 -9.67 -19.38 11.12
N SER A 42 -8.54 -18.74 11.41
CA SER A 42 -8.18 -18.50 12.82
C SER A 42 -9.13 -17.56 13.55
N GLN A 43 -9.67 -16.57 12.85
CA GLN A 43 -10.47 -15.52 13.48
C GLN A 43 -9.73 -14.81 14.61
N ARG A 44 -8.42 -14.65 14.42
CA ARG A 44 -7.56 -13.91 15.35
C ARG A 44 -6.74 -12.88 14.58
N MET A 45 -6.36 -11.78 15.25
CA MET A 45 -5.35 -10.87 14.65
C MET A 45 -4.09 -11.71 14.57
N GLU A 46 -3.37 -11.66 13.43
CA GLU A 46 -2.21 -12.52 13.19
C GLU A 46 -0.99 -11.64 13.03
N PRO A 47 0.16 -12.09 13.57
CA PRO A 47 1.41 -11.34 13.36
C PRO A 47 1.91 -11.45 11.92
N ARG A 48 2.53 -10.38 11.44
CA ARG A 48 3.15 -10.35 10.12
C ARG A 48 4.59 -9.84 10.11
N ALA A 49 5.11 -9.54 11.29
CA ALA A 49 6.53 -9.17 11.45
C ALA A 49 7.08 -9.92 12.65
N PRO A 50 8.35 -10.36 12.60
CA PRO A 50 8.81 -11.18 13.74
C PRO A 50 8.85 -10.42 15.06
N TRP A 51 9.07 -9.11 15.02
CA TRP A 51 9.15 -8.34 16.27
C TRP A 51 7.83 -8.20 17.02
N ILE A 52 6.70 -8.37 16.34
CA ILE A 52 5.44 -8.24 17.07
C ILE A 52 5.12 -9.56 17.80
N GLU A 53 5.79 -10.63 17.41
CA GLU A 53 5.60 -11.93 18.07
C GLU A 53 6.13 -11.94 19.52
N GLN A 54 6.88 -10.91 19.89
CA GLN A 54 7.28 -10.65 21.29
C GLN A 54 6.09 -10.38 22.22
N GLU A 55 5.00 -9.87 21.66
CA GLU A 55 3.81 -9.53 22.46
C GLU A 55 3.12 -10.79 22.96
N GLY A 56 2.58 -10.71 24.17
CA GLY A 56 1.97 -11.87 24.83
C GLY A 56 0.54 -12.13 24.41
N PRO A 57 -0.03 -13.27 24.84
CA PRO A 57 -1.41 -13.67 24.54
C PRO A 57 -2.44 -12.59 24.85
N GLU A 58 -2.19 -11.77 25.87
CA GLU A 58 -3.07 -10.67 26.27
C GLU A 58 -3.16 -9.60 25.20
N TYR A 59 -2.03 -9.33 24.56
CA TYR A 59 -2.00 -8.36 23.44
C TYR A 59 -2.88 -8.92 22.33
N TRP A 60 -2.68 -10.20 22.01
CA TRP A 60 -3.38 -10.84 20.88
C TRP A 60 -4.88 -10.95 21.17
N ASP A 61 -5.21 -11.36 22.40
CA ASP A 61 -6.63 -11.34 22.85
C ASP A 61 -7.28 -9.96 22.67
N GLY A 62 -6.56 -8.93 23.10
CA GLY A 62 -7.04 -7.58 23.02
C GLY A 62 -7.20 -7.08 21.59
N GLU A 63 -6.19 -7.30 20.76
CA GLU A 63 -6.28 -6.82 19.39
C GLU A 63 -7.37 -7.55 18.63
N THR A 64 -7.53 -8.85 18.91
CA THR A 64 -8.58 -9.64 18.25
C THR A 64 -9.95 -9.12 18.65
N ARG A 65 -10.14 -8.85 19.94
CA ARG A 65 -11.39 -8.27 20.45
CA ARG A 65 -11.41 -8.28 20.43
C ARG A 65 -11.72 -6.95 19.74
N LYS A 66 -10.73 -6.04 19.69
CA LYS A 66 -10.93 -4.74 19.05
C LYS A 66 -11.20 -4.85 17.55
N VAL A 67 -10.49 -5.74 16.85
CA VAL A 67 -10.65 -5.78 15.41
CA VAL A 67 -10.66 -5.83 15.40
C VAL A 67 -12.00 -6.41 15.02
N LYS A 68 -12.46 -7.38 15.83
CA LYS A 68 -13.77 -7.98 15.57
C LYS A 68 -14.87 -6.94 15.83
N ALA A 69 -14.71 -6.15 16.89
CA ALA A 69 -15.62 -5.04 17.14
C ALA A 69 -15.63 -4.05 15.98
N HIS A 70 -14.44 -3.74 15.45
CA HIS A 70 -14.29 -2.86 14.27
CA HIS A 70 -14.35 -2.86 14.32
C HIS A 70 -15.12 -3.42 13.11
N SER A 71 -15.03 -4.73 12.91
CA SER A 71 -15.74 -5.38 11.81
CA SER A 71 -15.74 -5.36 11.80
C SER A 71 -17.25 -5.18 11.94
N GLN A 72 -17.74 -5.29 13.18
CA GLN A 72 -19.19 -5.06 13.40
C GLN A 72 -19.59 -3.63 13.18
N THR A 73 -18.71 -2.69 13.52
CA THR A 73 -19.01 -1.29 13.25
C THR A 73 -19.19 -1.09 11.74
N HIS A 74 -18.29 -1.64 10.93
CA HIS A 74 -18.44 -1.55 9.48
C HIS A 74 -19.69 -2.27 8.94
N ARG A 75 -20.07 -3.37 9.58
CA ARG A 75 -21.24 -4.12 9.13
C ARG A 75 -22.47 -3.24 9.27
N VAL A 76 -22.60 -2.64 10.44
CA VAL A 76 -23.69 -1.70 10.71
C VAL A 76 -23.61 -0.50 9.75
N ASP A 77 -22.40 0.04 9.56
CA ASP A 77 -22.19 1.20 8.66
C ASP A 77 -22.67 0.93 7.25
N LEU A 78 -22.35 -0.25 6.71
CA LEU A 78 -22.75 -0.58 5.35
C LEU A 78 -24.27 -0.51 5.21
N GLY A 79 -24.98 -1.00 6.21
CA GLY A 79 -26.45 -0.95 6.20
C GLY A 79 -26.96 0.48 6.29
N THR A 80 -26.31 1.29 7.13
CA THR A 80 -26.73 2.67 7.35
C THR A 80 -26.56 3.47 6.09
N LEU A 81 -25.39 3.27 5.48
CA LEU A 81 -25.03 4.02 4.27
C LEU A 81 -25.90 3.67 3.10
N ARG A 82 -26.32 2.40 3.03
CA ARG A 82 -27.27 1.98 2.01
C ARG A 82 -28.55 2.79 2.15
N GLY A 83 -28.96 3.02 3.40
CA GLY A 83 -30.16 3.79 3.72
C GLY A 83 -29.97 5.24 3.35
N TYR A 84 -28.87 5.84 3.80
CA TYR A 84 -28.57 7.25 3.47
C TYR A 84 -28.61 7.55 1.98
N TYR A 85 -28.05 6.64 1.18
CA TYR A 85 -27.88 6.88 -0.24
C TYR A 85 -28.99 6.25 -1.06
N ASN A 86 -30.01 5.73 -0.37
CA ASN A 86 -31.19 5.13 -1.04
C ASN A 86 -30.81 4.04 -2.03
N GLN A 87 -29.88 3.18 -1.63
CA GLN A 87 -29.43 2.10 -2.49
C GLN A 87 -30.18 0.82 -2.21
N SER A 88 -30.24 -0.05 -3.22
CA SER A 88 -30.88 -1.37 -3.08
C SER A 88 -29.96 -2.38 -2.37
N GLU A 89 -30.53 -3.54 -2.04
CA GLU A 89 -29.78 -4.64 -1.43
C GLU A 89 -29.02 -5.49 -2.46
N ALA A 90 -29.15 -5.15 -3.74
CA ALA A 90 -28.62 -5.97 -4.83
C ALA A 90 -27.12 -5.90 -5.02
N GLY A 91 -26.54 -4.73 -4.82
CA GLY A 91 -25.15 -4.48 -5.19
C GLY A 91 -24.23 -4.59 -4.00
N SER A 92 -22.94 -4.81 -4.28
CA SER A 92 -21.91 -4.80 -3.24
C SER A 92 -21.38 -3.37 -3.10
N HIS A 93 -21.12 -2.99 -1.85
CA HIS A 93 -20.60 -1.68 -1.58
C HIS A 93 -19.43 -1.83 -0.65
N THR A 94 -18.62 -0.80 -0.59
CA THR A 94 -17.41 -0.89 0.23
CA THR A 94 -17.34 -0.84 0.12
C THR A 94 -17.27 0.28 1.17
N VAL A 95 -16.76 -0.02 2.34
CA VAL A 95 -16.33 1.04 3.26
CA VAL A 95 -16.36 1.00 3.32
C VAL A 95 -14.85 0.86 3.51
N GLN A 96 -14.13 1.99 3.56
CA GLN A 96 -12.70 1.95 3.86
C GLN A 96 -12.44 2.94 4.98
N ARG A 97 -11.56 2.59 5.91
CA ARG A 97 -11.20 3.53 6.96
C ARG A 97 -9.70 3.45 7.15
N MET A 98 -9.03 4.57 7.41
CA MET A 98 -7.61 4.50 7.77
C MET A 98 -7.40 5.48 8.89
N TYR A 99 -6.57 5.09 9.85
CA TYR A 99 -6.14 6.05 10.83
C TYR A 99 -4.71 5.80 11.25
N GLY A 100 -4.11 6.78 11.90
CA GLY A 100 -2.79 6.54 12.41
C GLY A 100 -2.12 7.81 12.86
N CYS A 101 -0.84 7.69 13.19
CA CYS A 101 -0.09 8.81 13.76
CA CYS A 101 -0.12 8.86 13.65
C CYS A 101 1.30 8.85 13.13
N ASP A 102 1.85 10.05 13.00
CA ASP A 102 3.20 10.25 12.48
C ASP A 102 4.00 10.84 13.62
N VAL A 103 5.24 10.42 13.75
CA VAL A 103 6.17 11.08 14.70
C VAL A 103 7.40 11.56 13.95
N GLY A 104 8.08 12.57 14.48
CA GLY A 104 9.30 13.03 13.80
C GLY A 104 10.52 12.23 14.19
N SER A 105 11.69 12.72 13.81
CA SER A 105 12.95 12.09 14.21
C SER A 105 13.13 11.90 15.73
N ASP A 106 12.54 12.79 16.53
CA ASP A 106 12.61 12.71 18.01
C ASP A 106 11.57 11.77 18.57
N TRP A 107 10.79 11.19 17.66
CA TRP A 107 9.71 10.29 18.01
C TRP A 107 8.56 10.96 18.77
N ARG A 108 8.49 12.30 18.67
CA ARG A 108 7.38 13.04 19.25
C ARG A 108 6.28 13.18 18.21
N PHE A 109 5.05 13.20 18.71
CA PHE A 109 3.89 13.37 17.87
C PHE A 109 4.04 14.53 16.92
N LEU A 110 3.75 14.28 15.63
CA LEU A 110 3.67 15.30 14.58
C LEU A 110 2.26 15.55 14.08
N ARG A 111 1.57 14.46 13.72
CA ARG A 111 0.28 14.56 13.07
C ARG A 111 -0.50 13.27 13.30
N GLY A 112 -1.83 13.40 13.34
CA GLY A 112 -2.71 12.23 13.40
C GLY A 112 -3.74 12.39 12.30
N TYR A 113 -4.38 11.28 11.98
CA TYR A 113 -5.33 11.29 10.90
C TYR A 113 -6.34 10.17 11.06
N HIS A 114 -7.54 10.39 10.53
CA HIS A 114 -8.59 9.39 10.65
C HIS A 114 -9.52 9.75 9.48
N GLN A 115 -9.65 8.83 8.52
CA GLN A 115 -10.45 9.13 7.33
CA GLN A 115 -10.45 9.12 7.33
C GLN A 115 -11.32 7.94 6.96
N TYR A 116 -12.47 8.24 6.38
CA TYR A 116 -13.47 7.22 6.03
C TYR A 116 -13.99 7.50 4.64
N ALA A 117 -14.15 6.42 3.88
CA ALA A 117 -14.73 6.51 2.52
C ALA A 117 -15.83 5.49 2.30
N TYR A 118 -16.78 5.86 1.46
CA TYR A 118 -17.83 4.92 1.02
C TYR A 118 -17.82 4.83 -0.50
N ASP A 119 -17.73 3.59 -1.00
CA ASP A 119 -17.61 3.32 -2.43
C ASP A 119 -16.50 4.14 -3.09
N GLY A 120 -15.40 4.23 -2.38
CA GLY A 120 -14.18 4.86 -2.91
C GLY A 120 -14.13 6.37 -2.88
N LYS A 121 -15.18 7.02 -2.34
CA LYS A 121 -15.29 8.48 -2.28
C LYS A 121 -15.19 8.96 -0.86
N ASP A 122 -14.56 10.13 -0.67
CA ASP A 122 -14.49 10.74 0.66
C ASP A 122 -15.85 10.76 1.31
N TYR A 123 -15.89 10.40 2.59
CA TYR A 123 -17.14 10.48 3.33
C TYR A 123 -16.98 11.44 4.51
N ILE A 124 -16.14 11.10 5.46
CA ILE A 124 -15.87 12.01 6.60
C ILE A 124 -14.44 11.79 7.07
N ALA A 125 -13.79 12.86 7.53
CA ALA A 125 -12.43 12.72 8.01
C ALA A 125 -12.20 13.70 9.13
N LEU A 126 -11.29 13.36 10.03
CA LEU A 126 -10.89 14.32 11.05
C LEU A 126 -10.06 15.42 10.40
N LYS A 127 -10.23 16.67 10.86
CA LYS A 127 -9.42 17.75 10.34
C LYS A 127 -8.03 17.64 10.97
N GLU A 128 -7.09 18.43 10.45
CA GLU A 128 -5.68 18.36 10.88
C GLU A 128 -5.49 18.50 12.39
N ASP A 129 -6.32 19.32 13.04
CA ASP A 129 -6.15 19.57 14.48
C ASP A 129 -6.82 18.53 15.37
N LEU A 130 -7.44 17.54 14.73
CA LEU A 130 -8.09 16.44 15.44
C LEU A 130 -9.25 16.88 16.32
N ARG A 131 -9.82 18.06 16.06
CA ARG A 131 -10.88 18.58 16.93
C ARG A 131 -12.24 18.64 16.27
N SER A 132 -12.29 18.55 14.94
CA SER A 132 -13.57 18.61 14.23
C SER A 132 -13.50 17.76 12.96
N TRP A 133 -14.61 17.74 12.22
CA TRP A 133 -14.77 16.82 11.07
C TRP A 133 -15.02 17.53 9.76
N THR A 134 -14.53 16.92 8.68
CA THR A 134 -14.83 17.35 7.30
C THR A 134 -15.78 16.32 6.72
N ALA A 135 -17.01 16.76 6.44
CA ALA A 135 -18.06 15.91 5.90
C ALA A 135 -18.27 16.32 4.47
N ALA A 136 -18.15 15.38 3.55
CA ALA A 136 -18.17 15.68 2.10
C ALA A 136 -19.57 16.02 1.54
N ASP A 137 -20.61 15.45 2.15
CA ASP A 137 -21.97 15.64 1.62
C ASP A 137 -23.00 15.58 2.76
N MET A 138 -24.29 15.64 2.42
CA MET A 138 -25.29 15.71 3.48
C MET A 138 -25.40 14.46 4.33
N ALA A 139 -25.15 13.28 3.74
CA ALA A 139 -25.19 12.05 4.51
C ALA A 139 -24.08 12.12 5.55
N ALA A 140 -22.88 12.51 5.13
CA ALA A 140 -21.78 12.56 6.07
C ALA A 140 -22.01 13.66 7.09
N GLN A 141 -22.79 14.69 6.73
CA GLN A 141 -23.08 15.74 7.70
C GLN A 141 -23.96 15.19 8.81
N THR A 142 -24.89 14.29 8.47
CA THR A 142 -25.69 13.61 9.50
C THR A 142 -24.78 12.81 10.47
N THR A 143 -23.82 12.09 9.89
CA THR A 143 -22.82 11.40 10.72
C THR A 143 -22.00 12.36 11.56
N LYS A 144 -21.60 13.49 11.00
CA LYS A 144 -20.80 14.48 11.75
C LYS A 144 -21.59 14.95 12.98
N HIS A 145 -22.87 15.29 12.78
CA HIS A 145 -23.68 15.70 13.93
C HIS A 145 -23.68 14.64 15.03
N LYS A 146 -23.83 13.38 14.62
CA LYS A 146 -23.88 12.25 15.56
C LYS A 146 -22.58 12.13 16.32
N TRP A 147 -21.47 12.21 15.59
CA TRP A 147 -20.16 12.07 16.20
C TRP A 147 -19.75 13.26 17.04
N GLU A 148 -20.29 14.45 16.74
CA GLU A 148 -20.08 15.64 17.55
C GLU A 148 -20.76 15.45 18.91
N ALA A 149 -22.03 15.05 18.87
CA ALA A 149 -22.82 14.86 20.09
C ALA A 149 -22.21 13.77 20.99
N ALA A 150 -21.57 12.78 20.38
CA ALA A 150 -20.97 11.67 21.11
C ALA A 150 -19.48 11.88 21.40
N HIS A 151 -18.94 13.03 21.01
CA HIS A 151 -17.56 13.41 21.32
C HIS A 151 -16.54 12.39 20.81
N VAL A 152 -16.77 11.91 19.59
CA VAL A 152 -15.90 10.90 18.99
C VAL A 152 -14.52 11.49 18.73
N ALA A 153 -14.46 12.75 18.25
CA ALA A 153 -13.17 13.38 17.92
C ALA A 153 -12.29 13.41 19.16
N GLU A 154 -12.88 13.73 20.30
CA GLU A 154 -12.13 13.79 21.54
C GLU A 154 -11.48 12.45 21.92
N GLN A 155 -12.22 11.36 21.75
CA GLN A 155 -11.69 10.01 21.98
C GLN A 155 -10.53 9.72 21.01
N LEU A 156 -10.72 10.07 19.75
CA LEU A 156 -9.74 9.74 18.73
C LEU A 156 -8.49 10.58 18.93
N ARG A 157 -8.66 11.86 19.27
CA ARG A 157 -7.52 12.73 19.49
C ARG A 157 -6.67 12.18 20.64
N ALA A 158 -7.32 11.71 21.70
CA ALA A 158 -6.61 11.18 22.87
C ALA A 158 -5.76 9.97 22.47
N TYR A 159 -6.34 9.12 21.63
CA TYR A 159 -5.67 7.94 21.13
C TYR A 159 -4.52 8.35 20.22
N LEU A 160 -4.78 9.23 19.28
CA LEU A 160 -3.79 9.52 18.27
C LEU A 160 -2.56 10.22 18.86
N GLU A 161 -2.80 11.04 19.88
CA GLU A 161 -1.73 11.85 20.47
C GLU A 161 -1.04 11.09 21.59
N GLY A 162 -1.73 10.10 22.12
CA GLY A 162 -1.20 9.33 23.24
C GLY A 162 -0.83 7.91 22.90
N THR A 163 -1.81 7.02 22.98
CA THR A 163 -1.62 5.58 22.83
C THR A 163 -0.93 5.24 21.53
N CYS A 164 -1.40 5.81 20.42
CA CYS A 164 -0.83 5.53 19.10
CA CYS A 164 -0.82 5.51 19.14
C CYS A 164 0.68 5.78 19.10
N VAL A 165 1.10 6.94 19.63
CA VAL A 165 2.51 7.35 19.67
CA VAL A 165 2.52 7.25 19.57
C VAL A 165 3.29 6.46 20.62
N GLU A 166 2.69 6.19 21.78
CA GLU A 166 3.36 5.38 22.79
C GLU A 166 3.65 3.97 22.24
N TRP A 167 2.66 3.38 21.58
CA TRP A 167 2.86 2.07 21.03
C TRP A 167 3.76 2.05 19.80
N LEU A 168 3.72 3.12 19.00
CA LEU A 168 4.66 3.25 17.90
C LEU A 168 6.09 3.20 18.46
N ARG A 169 6.35 3.96 19.53
CA ARG A 169 7.67 3.96 20.18
CA ARG A 169 7.69 3.96 20.12
C ARG A 169 8.08 2.57 20.61
N ARG A 170 7.16 1.86 21.25
CA ARG A 170 7.40 0.50 21.70
C ARG A 170 7.80 -0.41 20.56
N TYR A 171 7.02 -0.40 19.48
CA TYR A 171 7.35 -1.17 18.31
C TYR A 171 8.70 -0.80 17.71
N LEU A 172 9.01 0.50 17.64
CA LEU A 172 10.29 0.95 17.06
C LEU A 172 11.46 0.38 17.85
N GLU A 173 11.30 0.29 19.16
CA GLU A 173 12.34 -0.28 20.03
C GLU A 173 12.43 -1.80 19.86
N ASN A 174 11.29 -2.48 20.02
CA ASN A 174 11.26 -3.92 19.88
C ASN A 174 11.72 -4.44 18.54
N GLY A 175 11.42 -3.68 17.48
CA GLY A 175 11.78 -4.07 16.14
C GLY A 175 12.99 -3.33 15.59
N LYS A 176 13.82 -2.79 16.49
CA LYS A 176 14.93 -1.92 16.09
C LYS A 176 15.83 -2.44 14.97
N GLU A 177 16.10 -3.74 15.00
CA GLU A 177 17.06 -4.34 14.05
C GLU A 177 16.67 -4.12 12.59
N THR A 178 15.37 -4.09 12.32
CA THR A 178 14.88 -3.77 11.00
C THR A 178 14.16 -2.43 10.93
N LEU A 179 13.31 -2.12 11.91
CA LEU A 179 12.54 -0.87 11.85
C LEU A 179 13.38 0.39 11.83
N GLN A 180 14.51 0.35 12.54
CA GLN A 180 15.36 1.53 12.66
C GLN A 180 16.56 1.47 11.72
N ARG A 181 16.55 0.47 10.84
CA ARG A 181 17.61 0.32 9.85
C ARG A 181 17.14 0.90 8.54
N THR A 182 18.01 1.65 7.88
CA THR A 182 17.68 2.12 6.53
C THR A 182 18.48 1.29 5.57
N ASP A 183 17.86 0.94 4.44
CA ASP A 183 18.53 0.19 3.39
C ASP A 183 18.63 1.16 2.23
N ALA A 184 19.85 1.57 1.92
CA ALA A 184 20.09 2.46 0.79
C ALA A 184 19.82 1.77 -0.53
N PRO A 185 19.32 2.53 -1.51
CA PRO A 185 19.08 1.93 -2.81
C PRO A 185 20.36 1.44 -3.47
N LYS A 186 20.24 0.27 -4.07
CA LYS A 186 21.29 -0.30 -4.92
CA LYS A 186 21.28 -0.32 -4.92
C LYS A 186 20.94 0.12 -6.34
N THR A 187 21.83 0.89 -6.96
CA THR A 187 21.51 1.55 -8.25
C THR A 187 22.40 1.07 -9.40
N HIS A 188 21.84 1.11 -10.59
CA HIS A 188 22.58 0.81 -11.82
C HIS A 188 21.79 1.43 -12.95
N MET A 189 22.44 1.49 -14.11
CA MET A 189 21.81 2.06 -15.28
CA MET A 189 21.84 2.07 -15.30
C MET A 189 21.76 1.05 -16.41
N THR A 190 20.67 1.05 -17.16
CA THR A 190 20.62 0.21 -18.36
C THR A 190 20.43 1.10 -19.56
N HIS A 191 20.79 0.58 -20.73
CA HIS A 191 20.72 1.33 -21.98
C HIS A 191 20.07 0.45 -23.05
N HIS A 192 19.16 1.04 -23.83
CA HIS A 192 18.57 0.35 -24.98
C HIS A 192 18.42 1.28 -26.19
N ALA A 193 18.62 0.73 -27.38
CA ALA A 193 18.49 1.51 -28.60
C ALA A 193 17.14 1.20 -29.27
N VAL A 194 16.30 2.22 -29.50
CA VAL A 194 15.01 1.96 -30.17
C VAL A 194 15.18 2.00 -31.71
N SER A 195 16.12 2.82 -32.14
CA SER A 195 16.36 3.08 -33.54
C SER A 195 17.79 3.53 -33.63
N ASP A 196 18.20 3.95 -34.82
CA ASP A 196 19.54 4.42 -35.11
C ASP A 196 19.87 5.73 -34.39
N HIS A 197 18.83 6.47 -34.02
CA HIS A 197 19.05 7.84 -33.56
C HIS A 197 18.56 8.09 -32.13
N GLU A 198 17.85 7.13 -31.55
CA GLU A 198 17.23 7.33 -30.23
C GLU A 198 17.60 6.20 -29.28
N ALA A 199 18.02 6.54 -28.06
CA ALA A 199 18.31 5.55 -27.01
C ALA A 199 17.52 5.85 -25.73
N THR A 200 17.33 4.83 -24.91
CA THR A 200 16.68 5.00 -23.62
C THR A 200 17.70 4.64 -22.54
N LEU A 201 17.83 5.52 -21.53
CA LEU A 201 18.64 5.25 -20.33
C LEU A 201 17.66 5.02 -19.21
N ARG A 202 17.86 3.95 -18.45
CA ARG A 202 16.97 3.71 -17.32
C ARG A 202 17.81 3.60 -16.07
N CYS A 203 17.43 4.39 -15.08
CA CYS A 203 18.13 4.45 -13.83
C CYS A 203 17.32 3.64 -12.82
N TRP A 204 17.97 2.62 -12.23
CA TRP A 204 17.26 1.67 -11.37
C TRP A 204 17.64 1.89 -9.90
N ALA A 205 16.64 1.82 -9.00
CA ALA A 205 16.93 1.81 -7.56
C ALA A 205 16.25 0.56 -7.02
N LEU A 206 17.05 -0.32 -6.41
CA LEU A 206 16.52 -1.57 -5.89
C LEU A 206 16.82 -1.75 -4.41
N SER A 207 16.03 -2.60 -3.74
CA SER A 207 16.43 -3.05 -2.40
CA SER A 207 16.41 -3.06 -2.41
C SER A 207 16.46 -1.96 -1.33
N PHE A 208 15.62 -0.93 -1.45
CA PHE A 208 15.65 0.16 -0.49
C PHE A 208 14.49 0.14 0.50
N TYR A 209 14.75 0.76 1.63
CA TYR A 209 13.76 0.87 2.69
C TYR A 209 14.17 2.06 3.55
N PRO A 210 13.22 2.95 3.91
CA PRO A 210 11.79 2.90 3.58
C PRO A 210 11.49 3.27 2.12
N ALA A 211 10.22 3.31 1.78
CA ALA A 211 9.81 3.42 0.37
C ALA A 211 10.01 4.80 -0.26
N GLU A 212 10.09 5.82 0.59
CA GLU A 212 10.27 7.19 0.10
C GLU A 212 11.61 7.36 -0.61
N ILE A 213 11.56 7.87 -1.84
CA ILE A 213 12.78 8.03 -2.65
C ILE A 213 12.52 9.08 -3.71
N THR A 214 13.59 9.73 -4.16
CA THR A 214 13.48 10.66 -5.29
C THR A 214 14.51 10.28 -6.34
N LEU A 215 14.05 10.07 -7.56
CA LEU A 215 14.96 9.76 -8.69
C LEU A 215 14.67 10.77 -9.76
N THR A 216 15.72 11.40 -10.27
CA THR A 216 15.54 12.45 -11.24
C THR A 216 16.67 12.42 -12.23
N TRP A 217 16.42 12.98 -13.41
CA TRP A 217 17.42 13.14 -14.45
C TRP A 217 17.86 14.58 -14.61
N GLN A 218 19.13 14.76 -14.94
CA GLN A 218 19.62 16.07 -15.37
C GLN A 218 20.28 15.97 -16.73
N ARG A 219 20.21 17.05 -17.50
CA ARG A 219 20.91 17.15 -18.79
C ARG A 219 21.81 18.38 -18.68
N ASP A 220 23.10 18.16 -18.89
CA ASP A 220 24.16 19.17 -18.73
C ASP A 220 23.97 19.93 -17.41
N GLY A 221 23.68 19.18 -16.35
CA GLY A 221 23.51 19.76 -15.03
C GLY A 221 22.17 20.43 -14.72
N GLU A 222 21.24 20.40 -15.66
CA GLU A 222 19.91 21.01 -15.45
C GLU A 222 18.78 19.98 -15.41
N ASP A 223 17.76 20.22 -14.57
CA ASP A 223 16.62 19.31 -14.44
C ASP A 223 15.98 18.96 -15.80
N GLN A 224 15.80 17.66 -16.02
CA GLN A 224 15.18 17.12 -17.23
C GLN A 224 13.95 16.31 -16.84
N THR A 225 12.77 16.79 -17.21
CA THR A 225 11.50 16.08 -16.97
C THR A 225 10.80 15.65 -18.26
N GLN A 226 10.98 16.41 -19.34
CA GLN A 226 10.49 15.98 -20.64
C GLN A 226 11.21 14.72 -21.12
N ASP A 227 10.45 13.86 -21.78
CA ASP A 227 10.94 12.59 -22.31
C ASP A 227 11.45 11.68 -21.21
N THR A 228 10.90 11.88 -20.01
CA THR A 228 11.16 10.91 -18.92
C THR A 228 9.93 10.10 -18.58
N GLU A 229 10.16 8.91 -18.04
CA GLU A 229 9.09 8.09 -17.49
C GLU A 229 9.54 7.62 -16.11
N LEU A 230 8.67 7.76 -15.12
CA LEU A 230 8.96 7.36 -13.72
C LEU A 230 7.92 6.35 -13.28
N VAL A 231 8.31 5.12 -12.96
CA VAL A 231 7.31 4.13 -12.52
C VAL A 231 6.98 4.34 -11.07
N GLU A 232 5.78 3.91 -10.68
CA GLU A 232 5.37 3.91 -9.31
C GLU A 232 6.32 3.01 -8.52
N THR A 233 6.71 3.46 -7.35
CA THR A 233 7.50 2.62 -6.41
C THR A 233 6.74 1.34 -6.12
N ARG A 234 7.43 0.21 -6.19
CA ARG A 234 6.77 -1.10 -6.08
C ARG A 234 7.46 -1.96 -5.04
N PRO A 235 6.71 -2.86 -4.40
CA PRO A 235 7.32 -3.72 -3.41
C PRO A 235 8.10 -4.86 -4.03
N ALA A 236 9.29 -5.13 -3.49
CA ALA A 236 10.05 -6.29 -3.96
C ALA A 236 9.42 -7.60 -3.51
N GLY A 237 8.76 -7.56 -2.35
CA GLY A 237 8.16 -8.76 -1.78
C GLY A 237 8.95 -9.32 -0.62
N ASP A 238 10.16 -8.80 -0.42
CA ASP A 238 11.02 -9.19 0.71
C ASP A 238 11.14 -8.07 1.76
N GLY A 239 10.25 -7.09 1.66
CA GLY A 239 10.25 -5.98 2.61
C GLY A 239 10.83 -4.70 2.04
N THR A 240 11.53 -4.81 0.93
CA THR A 240 12.18 -3.63 0.34
C THR A 240 11.39 -3.16 -0.87
N PHE A 241 11.86 -2.08 -1.45
CA PHE A 241 11.14 -1.45 -2.55
C PHE A 241 12.02 -1.27 -3.79
N GLN A 242 11.39 -1.01 -4.94
CA GLN A 242 12.12 -0.79 -6.22
C GLN A 242 11.48 0.35 -6.96
N LYS A 243 12.26 1.03 -7.80
CA LYS A 243 11.72 2.11 -8.64
C LYS A 243 12.72 2.30 -9.75
N TRP A 244 12.25 2.82 -10.88
CA TRP A 244 13.17 3.26 -11.92
C TRP A 244 12.66 4.51 -12.59
N VAL A 245 13.57 5.23 -13.24
CA VAL A 245 13.19 6.41 -14.02
C VAL A 245 13.96 6.33 -15.33
N ALA A 246 13.29 6.66 -16.43
CA ALA A 246 13.94 6.50 -17.73
C ALA A 246 13.93 7.82 -18.47
N VAL A 247 14.91 7.99 -19.34
CA VAL A 247 14.94 9.19 -20.23
C VAL A 247 15.31 8.72 -21.65
N VAL A 248 14.72 9.38 -22.64
CA VAL A 248 15.01 9.12 -24.05
C VAL A 248 15.99 10.19 -24.49
N VAL A 249 17.05 9.74 -25.14
CA VAL A 249 18.19 10.61 -25.49
C VAL A 249 18.66 10.37 -26.92
N PRO A 250 19.17 11.43 -27.58
CA PRO A 250 19.77 11.16 -28.90
C PRO A 250 20.97 10.21 -28.77
N SER A 251 21.01 9.17 -29.60
CA SER A 251 22.15 8.23 -29.59
C SER A 251 23.44 9.02 -29.69
N GLY A 252 24.43 8.66 -28.87
CA GLY A 252 25.70 9.36 -28.85
C GLY A 252 25.80 10.50 -27.84
N GLN A 253 24.69 10.91 -27.24
CA GLN A 253 24.68 12.03 -26.31
C GLN A 253 24.43 11.59 -24.86
N GLU A 254 24.54 10.29 -24.63
CA GLU A 254 24.30 9.72 -23.30
C GLU A 254 25.10 10.40 -22.20
N GLN A 255 26.31 10.85 -22.50
CA GLN A 255 27.19 11.45 -21.50
C GLN A 255 26.65 12.76 -20.88
N ARG A 256 25.66 13.37 -21.51
CA ARG A 256 25.11 14.62 -21.00
C ARG A 256 24.17 14.36 -19.85
N TYR A 257 23.76 13.11 -19.70
CA TYR A 257 22.64 12.83 -18.80
C TYR A 257 23.11 12.15 -17.55
N THR A 258 22.58 12.59 -16.42
CA THR A 258 22.95 11.98 -15.15
C THR A 258 21.70 11.74 -14.33
N CYS A 259 21.66 10.63 -13.61
CA CYS A 259 20.55 10.29 -12.74
C CYS A 259 20.97 10.60 -11.31
N HIS A 260 20.05 11.16 -10.54
CA HIS A 260 20.31 11.60 -9.18
C HIS A 260 19.32 10.93 -8.26
N VAL A 261 19.85 10.37 -7.17
CA VAL A 261 19.07 9.55 -6.27
C VAL A 261 19.16 10.14 -4.87
N GLN A 262 18.00 10.42 -4.29
CA GLN A 262 17.92 10.81 -2.88
C GLN A 262 17.14 9.79 -2.07
N HIS A 263 17.69 9.43 -0.91
CA HIS A 263 17.04 8.46 -0.02
C HIS A 263 17.59 8.64 1.40
N GLU A 264 16.77 8.37 2.41
CA GLU A 264 17.18 8.38 3.84
C GLU A 264 18.48 7.61 4.12
N GLY A 265 18.72 6.53 3.39
CA GLY A 265 19.86 5.65 3.62
C GLY A 265 21.13 6.13 2.95
N LEU A 266 21.04 7.26 2.24
CA LEU A 266 22.19 7.83 1.54
C LEU A 266 22.59 9.15 2.20
N PRO A 267 23.73 9.16 2.93
CA PRO A 267 24.22 10.39 3.59
C PRO A 267 24.55 11.49 2.60
N LYS A 268 24.95 11.10 1.39
CA LYS A 268 25.20 12.05 0.31
C LYS A 268 24.32 11.64 -0.87
N PRO A 269 23.60 12.59 -1.50
CA PRO A 269 22.92 12.25 -2.76
C PRO A 269 23.87 11.58 -3.78
N LEU A 270 23.33 10.64 -4.55
CA LEU A 270 24.11 9.78 -5.42
C LEU A 270 23.88 10.15 -6.88
N THR A 271 24.93 10.01 -7.70
CA THR A 271 24.83 10.29 -9.14
CA THR A 271 24.87 10.31 -9.14
C THR A 271 25.33 9.10 -9.96
N LEU A 272 24.62 8.80 -11.05
CA LEU A 272 25.02 7.74 -11.96
C LEU A 272 25.07 8.32 -13.36
N ARG A 273 26.05 7.86 -14.13
CA ARG A 273 26.16 8.19 -15.55
C ARG A 273 26.28 6.89 -16.34
N TRP A 274 26.07 6.96 -17.65
CA TRP A 274 26.17 5.77 -18.47
C TRP A 274 27.64 5.50 -18.78
N ILE B 2 -17.94 4.83 -8.38
CA ILE B 2 -16.61 5.05 -9.01
C ILE B 2 -15.94 3.75 -9.42
N GLN B 3 -15.30 3.78 -10.58
CA GLN B 3 -14.57 2.62 -11.07
C GLN B 3 -13.22 3.08 -11.61
N ARG B 4 -12.15 2.49 -11.08
CA ARG B 4 -10.79 2.89 -11.43
C ARG B 4 -10.08 1.63 -11.89
N THR B 5 -9.37 1.77 -13.02
CA THR B 5 -8.73 0.65 -13.73
CA THR B 5 -8.77 0.62 -13.67
C THR B 5 -7.36 0.34 -13.10
N PRO B 6 -7.01 -0.96 -12.94
CA PRO B 6 -5.71 -1.22 -12.35
C PRO B 6 -4.51 -0.87 -13.21
N LYS B 7 -3.45 -0.40 -12.55
CA LYS B 7 -2.11 -0.31 -13.16
C LYS B 7 -1.43 -1.63 -12.82
N ILE B 8 -0.56 -2.08 -13.72
CA ILE B 8 0.07 -3.39 -13.55
C ILE B 8 1.56 -3.29 -13.80
N GLN B 9 2.35 -3.83 -12.88
CA GLN B 9 3.78 -4.00 -13.15
C GLN B 9 4.14 -5.46 -12.88
N VAL B 10 4.94 -6.05 -13.76
CA VAL B 10 5.36 -7.44 -13.62
C VAL B 10 6.88 -7.44 -13.59
N TYR B 11 7.44 -8.12 -12.61
CA TYR B 11 8.87 -7.99 -12.32
C TYR B 11 9.36 -9.05 -11.34
N SER B 12 10.69 -9.24 -11.21
CA SER B 12 11.22 -10.21 -10.23
C SER B 12 11.60 -9.57 -8.87
N ARG B 13 11.49 -10.34 -7.79
CA ARG B 13 11.85 -9.92 -6.42
C ARG B 13 13.33 -9.54 -6.32
N HIS B 14 14.16 -10.43 -6.84
CA HIS B 14 15.60 -10.22 -6.86
C HIS B 14 16.04 -10.11 -8.31
N PRO B 15 17.27 -9.62 -8.56
CA PRO B 15 17.83 -9.59 -9.91
C PRO B 15 17.71 -10.97 -10.57
N ALA B 16 17.27 -10.98 -11.82
CA ALA B 16 16.86 -12.22 -12.46
C ALA B 16 18.01 -12.92 -13.16
N GLU B 17 18.39 -14.06 -12.63
CA GLU B 17 19.49 -14.81 -13.22
C GLU B 17 19.04 -16.22 -13.50
N ASN B 18 19.23 -16.68 -14.74
CA ASN B 18 18.90 -18.05 -15.10
C ASN B 18 19.49 -19.08 -14.14
N GLY B 19 18.67 -20.03 -13.72
CA GLY B 19 19.13 -21.07 -12.80
C GLY B 19 19.04 -20.77 -11.33
N LYS B 20 18.67 -19.54 -10.97
CA LYS B 20 18.62 -19.14 -9.55
C LYS B 20 17.21 -18.87 -9.07
N SER B 21 16.86 -19.50 -7.94
CA SER B 21 15.51 -19.41 -7.40
C SER B 21 15.18 -17.95 -7.15
N ASN B 22 13.93 -17.57 -7.39
CA ASN B 22 13.54 -16.17 -7.33
C ASN B 22 12.02 -16.09 -7.16
N PHE B 23 11.47 -14.86 -7.19
CA PHE B 23 10.01 -14.68 -7.17
C PHE B 23 9.59 -13.78 -8.31
N LEU B 24 8.47 -14.13 -8.94
CA LEU B 24 7.90 -13.32 -10.01
C LEU B 24 6.71 -12.60 -9.36
N ASN B 25 6.70 -11.29 -9.54
CA ASN B 25 5.67 -10.41 -8.94
C ASN B 25 4.74 -9.81 -9.97
N CYS B 26 3.48 -9.68 -9.61
CA CYS B 26 2.57 -8.87 -10.39
C CYS B 26 1.93 -7.93 -9.37
N TYR B 27 2.24 -6.65 -9.50
CA TYR B 27 1.81 -5.63 -8.58
C TYR B 27 0.70 -4.87 -9.26
N VAL B 28 -0.48 -4.94 -8.67
CA VAL B 28 -1.64 -4.27 -9.29
CA VAL B 28 -1.66 -4.34 -9.27
C VAL B 28 -2.10 -3.19 -8.34
N SER B 29 -2.30 -1.99 -8.87
CA SER B 29 -2.60 -0.88 -7.99
C SER B 29 -3.55 0.06 -8.67
N GLY B 30 -4.12 0.96 -7.87
CA GLY B 30 -4.87 2.09 -8.43
C GLY B 30 -6.29 1.77 -8.80
N PHE B 31 -6.78 0.62 -8.33
CA PHE B 31 -8.06 0.12 -8.76
C PHE B 31 -9.17 0.23 -7.72
N HIS B 32 -10.40 0.28 -8.21
CA HIS B 32 -11.59 0.29 -7.35
C HIS B 32 -12.73 -0.11 -8.26
N PRO B 33 -13.63 -1.00 -7.80
CA PRO B 33 -13.64 -1.65 -6.50
C PRO B 33 -12.57 -2.74 -6.34
N SER B 34 -12.55 -3.37 -5.18
CA SER B 34 -11.51 -4.32 -4.80
C SER B 34 -11.52 -5.68 -5.47
N ASP B 35 -12.67 -6.14 -5.99
CA ASP B 35 -12.75 -7.45 -6.64
C ASP B 35 -11.84 -7.42 -7.87
N ILE B 36 -10.91 -8.37 -7.95
CA ILE B 36 -9.93 -8.42 -9.07
C ILE B 36 -9.44 -9.84 -9.26
N GLU B 37 -9.18 -10.21 -10.53
CA GLU B 37 -8.67 -11.55 -10.84
C GLU B 37 -7.26 -11.35 -11.40
N VAL B 38 -6.28 -11.98 -10.79
CA VAL B 38 -4.90 -11.87 -11.25
C VAL B 38 -4.32 -13.28 -11.37
N ASP B 39 -3.76 -13.56 -12.54
CA ASP B 39 -3.07 -14.81 -12.78
C ASP B 39 -1.67 -14.54 -13.26
N LEU B 40 -0.73 -15.37 -12.82
CA LEU B 40 0.62 -15.35 -13.39
C LEU B 40 0.69 -16.51 -14.37
N LEU B 41 1.28 -16.25 -15.54
CA LEU B 41 1.29 -17.22 -16.63
C LEU B 41 2.73 -17.62 -16.90
N LYS B 42 2.95 -18.90 -17.15
CA LYS B 42 4.22 -19.40 -17.66
C LYS B 42 3.92 -19.97 -19.05
N ASN B 43 4.53 -19.40 -20.08
CA ASN B 43 4.30 -19.83 -21.46
C ASN B 43 2.80 -19.86 -21.81
N GLY B 44 2.08 -18.85 -21.31
CA GLY B 44 0.65 -18.69 -21.57
C GLY B 44 -0.27 -19.50 -20.67
N GLU B 45 0.29 -20.37 -19.84
CA GLU B 45 -0.51 -21.24 -18.97
C GLU B 45 -0.53 -20.75 -17.52
N ARG B 46 -1.67 -20.89 -16.87
CA ARG B 46 -1.86 -20.39 -15.52
C ARG B 46 -0.97 -21.12 -14.52
N ILE B 47 -0.23 -20.35 -13.73
CA ILE B 47 0.57 -20.90 -12.63
C ILE B 47 -0.34 -21.17 -11.44
N GLU B 48 -0.27 -22.39 -10.93
CA GLU B 48 -1.13 -22.82 -9.83
C GLU B 48 -0.79 -22.23 -8.46
N LYS B 49 0.49 -22.24 -8.10
CA LYS B 49 0.88 -21.89 -6.74
C LYS B 49 1.19 -20.40 -6.61
N VAL B 50 0.14 -19.57 -6.57
CA VAL B 50 0.35 -18.11 -6.51
C VAL B 50 -0.25 -17.55 -5.22
N GLU B 51 0.53 -16.75 -4.50
CA GLU B 51 0.07 -16.17 -3.24
C GLU B 51 -0.11 -14.68 -3.44
N HIS B 52 -0.77 -14.00 -2.51
CA HIS B 52 -0.92 -12.56 -2.65
C HIS B 52 -0.94 -11.84 -1.30
N SER B 53 -0.62 -10.56 -1.32
CA SER B 53 -0.65 -9.73 -0.13
C SER B 53 -2.05 -9.48 0.40
N ASP B 54 -2.12 -8.96 1.62
CA ASP B 54 -3.39 -8.56 2.19
C ASP B 54 -3.83 -7.24 1.60
N LEU B 55 -5.08 -7.17 1.17
CA LEU B 55 -5.64 -5.98 0.56
C LEU B 55 -5.38 -4.75 1.39
N SER B 56 -4.84 -3.71 0.75
CA SER B 56 -4.66 -2.42 1.38
C SER B 56 -4.91 -1.33 0.35
N PHE B 57 -4.77 -0.07 0.74
CA PHE B 57 -5.14 1.03 -0.17
C PHE B 57 -4.35 2.28 0.08
N SER B 58 -4.30 3.13 -0.95
CA SER B 58 -3.59 4.41 -0.91
CA SER B 58 -3.58 4.40 -0.89
C SER B 58 -4.46 5.52 -0.35
N LYS B 59 -3.89 6.70 -0.13
CA LYS B 59 -4.61 7.87 0.43
C LYS B 59 -5.82 8.25 -0.42
N ASP B 60 -5.73 7.98 -1.73
CA ASP B 60 -6.81 8.29 -2.67
C ASP B 60 -7.85 7.18 -2.71
N TRP B 61 -7.69 6.22 -1.80
CA TRP B 61 -8.61 5.10 -1.58
C TRP B 61 -8.46 3.96 -2.59
N SER B 62 -7.57 4.07 -3.58
CA SER B 62 -7.35 3.01 -4.56
CA SER B 62 -7.44 2.99 -4.53
C SER B 62 -6.66 1.81 -3.93
N PHE B 63 -7.09 0.61 -4.31
CA PHE B 63 -6.51 -0.61 -3.79
C PHE B 63 -5.24 -1.00 -4.47
N TYR B 64 -4.43 -1.80 -3.76
CA TYR B 64 -3.27 -2.41 -4.34
C TYR B 64 -3.05 -3.79 -3.72
N LEU B 65 -2.46 -4.66 -4.53
CA LEU B 65 -2.17 -6.05 -4.16
C LEU B 65 -0.92 -6.49 -4.87
N LEU B 66 -0.13 -7.33 -4.19
CA LEU B 66 1.02 -7.94 -4.83
C LEU B 66 0.73 -9.44 -4.95
N TYR B 67 0.76 -9.97 -6.17
CA TYR B 67 0.67 -11.42 -6.40
C TYR B 67 2.07 -11.93 -6.71
N TYR B 68 2.41 -13.09 -6.18
CA TYR B 68 3.81 -13.52 -6.35
C TYR B 68 3.94 -15.02 -6.34
N THR B 69 4.94 -15.53 -7.07
CA THR B 69 5.16 -16.98 -7.10
C THR B 69 6.64 -17.28 -7.21
N GLU B 70 7.09 -18.37 -6.58
CA GLU B 70 8.49 -18.75 -6.71
C GLU B 70 8.69 -19.26 -8.13
N PHE B 71 9.82 -18.88 -8.71
CA PHE B 71 10.18 -19.39 -10.04
C PHE B 71 11.68 -19.40 -10.18
N THR B 72 12.15 -20.21 -11.12
CA THR B 72 13.54 -20.20 -11.49
C THR B 72 13.56 -19.83 -12.96
N PRO B 73 14.02 -18.60 -13.25
CA PRO B 73 14.12 -18.15 -14.62
C PRO B 73 14.99 -19.12 -15.42
N THR B 74 14.54 -19.45 -16.63
CA THR B 74 15.38 -20.13 -17.62
C THR B 74 15.42 -19.20 -18.82
N GLU B 75 16.18 -19.59 -19.84
CA GLU B 75 16.36 -18.75 -21.03
C GLU B 75 15.13 -18.68 -21.95
N LYS B 76 14.37 -19.78 -22.01
CA LYS B 76 13.28 -19.90 -22.99
C LYS B 76 11.88 -19.63 -22.44
N ASP B 77 11.71 -19.71 -21.12
CA ASP B 77 10.39 -19.57 -20.50
C ASP B 77 9.94 -18.12 -20.53
N GLU B 78 8.72 -17.89 -20.98
CA GLU B 78 8.14 -16.55 -21.00
C GLU B 78 7.09 -16.45 -19.90
N TYR B 79 7.06 -15.31 -19.22
CA TYR B 79 6.15 -15.12 -18.08
C TYR B 79 5.33 -13.86 -18.26
N ALA B 80 4.15 -13.83 -17.67
CA ALA B 80 3.28 -12.69 -17.83
C ALA B 80 2.32 -12.61 -16.65
N CYS B 81 1.62 -11.50 -16.54
CA CYS B 81 0.54 -11.41 -15.57
C CYS B 81 -0.74 -11.12 -16.35
N ARG B 82 -1.84 -11.77 -15.97
CA ARG B 82 -3.13 -11.57 -16.63
C ARG B 82 -4.12 -11.06 -15.60
N VAL B 83 -4.76 -9.94 -15.88
CA VAL B 83 -5.60 -9.27 -14.89
C VAL B 83 -6.98 -9.00 -15.48
N ASN B 84 -8.00 -9.30 -14.70
CA ASN B 84 -9.35 -8.92 -15.10
C ASN B 84 -9.98 -8.12 -13.97
N HIS B 85 -10.86 -7.21 -14.33
CA HIS B 85 -11.46 -6.31 -13.36
C HIS B 85 -12.71 -5.78 -14.00
N VAL B 86 -13.67 -5.29 -13.22
CA VAL B 86 -14.90 -4.73 -13.81
C VAL B 86 -14.67 -3.66 -14.87
N THR B 87 -13.58 -2.91 -14.74
CA THR B 87 -13.25 -1.80 -15.62
C THR B 87 -12.60 -2.25 -16.94
N LEU B 88 -12.29 -3.54 -17.06
CA LEU B 88 -11.61 -4.06 -18.26
C LEU B 88 -12.60 -4.88 -19.08
N SER B 89 -12.79 -4.54 -20.35
CA SER B 89 -13.71 -5.32 -21.16
C SER B 89 -13.13 -6.71 -21.45
N GLN B 90 -11.80 -6.77 -21.56
CA GLN B 90 -11.08 -8.02 -21.83
C GLN B 90 -9.92 -8.12 -20.84
N PRO B 91 -9.50 -9.35 -20.49
CA PRO B 91 -8.32 -9.47 -19.61
C PRO B 91 -7.13 -8.75 -20.20
N LYS B 92 -6.35 -8.11 -19.33
CA LYS B 92 -5.15 -7.40 -19.70
C LYS B 92 -3.94 -8.28 -19.41
N ILE B 93 -3.07 -8.45 -20.40
CA ILE B 93 -1.85 -9.25 -20.20
C ILE B 93 -0.66 -8.35 -20.30
N VAL B 94 0.22 -8.44 -19.31
CA VAL B 94 1.48 -7.70 -19.32
CA VAL B 94 1.47 -7.69 -19.29
C VAL B 94 2.59 -8.73 -19.21
N LYS B 95 3.51 -8.70 -20.19
CA LYS B 95 4.61 -9.65 -20.24
C LYS B 95 5.74 -9.21 -19.33
N TRP B 96 6.39 -10.17 -18.70
CA TRP B 96 7.61 -9.91 -17.95
C TRP B 96 8.73 -9.60 -18.95
N ASP B 97 9.36 -8.45 -18.76
CA ASP B 97 10.51 -8.02 -19.57
C ASP B 97 11.67 -7.82 -18.61
N ARG B 98 12.63 -8.76 -18.66
CA ARG B 98 13.72 -8.81 -17.69
C ARG B 98 14.82 -7.82 -18.02
N ASP B 99 15.00 -7.58 -19.32
CA ASP B 99 16.02 -6.68 -19.85
C ASP B 99 15.74 -5.21 -19.57
N MET B 100 14.57 -4.93 -19.00
CA MET B 100 14.19 -3.56 -18.66
CA MET B 100 14.18 -3.56 -18.65
C MET B 100 15.31 -2.87 -17.87
N ASN C 1 -1.26 -0.84 18.04
CA ASN C 1 -2.36 -1.09 19.03
C ASN C 1 -3.59 -0.37 18.51
N LEU C 2 -4.68 -1.12 18.28
CA LEU C 2 -5.88 -0.56 17.64
C LEU C 2 -6.61 0.37 18.58
N VAL C 3 -7.33 1.35 18.01
CA VAL C 3 -8.24 2.14 18.83
C VAL C 3 -9.55 1.39 18.86
N PRO C 4 -10.21 1.38 20.01
CA PRO C 4 -11.63 1.04 20.00
C PRO C 4 -12.41 1.97 19.09
N MET C 5 -13.08 1.44 18.08
N MET C 5 -13.01 1.34 18.08
CA MET C 5 -13.95 2.31 17.33
CA MET C 5 -13.93 1.98 17.13
C MET C 5 -15.25 2.40 18.11
C MET C 5 -15.26 1.25 17.28
N GLY C 6 -16.32 2.04 17.43
CA GLY C 6 -17.57 1.63 18.04
C GLY C 6 -18.62 2.61 17.62
N ALA C 7 -18.18 3.80 17.24
CA ALA C 7 -19.06 4.80 16.68
C ALA C 7 -19.36 4.44 15.24
N THR C 8 -20.64 4.15 15.00
CA THR C 8 -21.11 3.83 13.66
C THR C 8 -21.56 5.12 12.98
N VAL C 9 -21.66 5.10 11.66
CA VAL C 9 -21.98 6.31 10.92
C VAL C 9 -23.45 6.73 11.04
#